data_7KDB
#
_entry.id   7KDB
#
_cell.length_a   68.110
_cell.length_b   94.027
_cell.length_c   116.795
_cell.angle_alpha   90.000
_cell.angle_beta   90.000
_cell.angle_gamma   90.000
#
_symmetry.space_group_name_H-M   'I 2 2 2'
#
loop_
_entity.id
_entity.type
_entity.pdbx_description
1 polymer 'S-adenosylmethionine synthase isoform type-2'
2 non-polymer 6-(4-hydroxyphenyl)-2,3-diphenyl-5-[(1H-pyrazol-3-yl)amino]pyrazolo[1,5-a]pyrimidin-7(4H)-one
3 non-polymer 'CHLORIDE ION'
4 non-polymer 2-AMINO-2-HYDROXYMETHYL-PROPANE-1,3-DIOL
5 non-polymer 1,2-ETHANEDIOL
6 non-polymer GLYCEROL
7 non-polymer S-ADENOSYLMETHIONINE
8 water water
#
_entity_poly.entity_id   1
_entity_poly.type   'polypeptide(L)'
_entity_poly.pdbx_seq_one_letter_code
;SMNGQLNGFHEAFIEEGTFLFTSESVGEGHPDKICDQISDAVLDAHLQQDPDAKVACETVAKTGMILLAGEITSRAAVDY
QKVVREAVKHIGYDDSSKGFDYKTCNVLVALEQQSPDIAQGVHLDRNEEDIGAGDQGLMFGYATDETEECMPLTIVLAHK
LNAKLAELRRNGTLPWLRPDSKTQVTVQYMQDRGAVLPIRVHTIVISVQHDEEVCLDEMRDALKEKVIKAVVPAKYLDED
TIYHLQPSGRFVIGGPQGDAGLTGRKIIVDTYGGWGAHGGGAFSGKDYTKVDRSAAYAARWVAKSLVKGGLCRRVLVQVS
YAIGVSHPLSISIFHYGTSQKSERELLEIVKKNFDLRPGVIVRDLDLKKPIYQRTAAYGHFGRDSFPWEVPKKLKY
;
_entity_poly.pdbx_strand_id   A
#
loop_
_chem_comp.id
_chem_comp.type
_chem_comp.name
_chem_comp.formula
CL non-polymer 'CHLORIDE ION' 'Cl -1'
EDO non-polymer 1,2-ETHANEDIOL 'C2 H6 O2'
GOL non-polymer GLYCEROL 'C3 H8 O3'
SAM non-polymer S-ADENOSYLMETHIONINE 'C15 H22 N6 O5 S'
TRS non-polymer 2-AMINO-2-HYDROXYMETHYL-PROPANE-1,3-DIOL 'C4 H12 N O3 1'
WBS non-polymer 6-(4-hydroxyphenyl)-2,3-diphenyl-5-[(1H-pyrazol-3-yl)amino]pyrazolo[1,5-a]pyrimidin-7(4H)-one 'C27 H20 N6 O2'
#
# COMPACT_ATOMS: atom_id res chain seq x y z
N GLU A 16 3.48 -9.51 -31.51
CA GLU A 16 3.48 -8.10 -31.91
C GLU A 16 2.38 -7.34 -31.18
N GLY A 17 2.76 -6.21 -30.59
CA GLY A 17 1.85 -5.47 -29.74
C GLY A 17 1.67 -6.06 -28.37
N THR A 18 2.45 -7.08 -27.99
CA THR A 18 2.36 -7.66 -26.67
C THR A 18 3.70 -7.52 -25.93
N PHE A 19 3.61 -7.60 -24.60
CA PHE A 19 4.76 -7.51 -23.74
C PHE A 19 4.44 -8.22 -22.43
N LEU A 20 5.48 -8.63 -21.73
CA LEU A 20 5.38 -9.17 -20.39
C LEU A 20 5.58 -8.06 -19.37
N PHE A 21 4.86 -8.15 -18.26
CA PHE A 21 5.08 -7.23 -17.16
C PHE A 21 4.88 -7.97 -15.85
N THR A 22 5.77 -7.71 -14.88
CA THR A 22 5.81 -8.41 -13.60
C THR A 22 5.56 -7.44 -12.46
N SER A 23 4.75 -7.86 -11.49
CA SER A 23 4.62 -7.19 -10.22
C SER A 23 4.71 -8.19 -9.07
N GLU A 24 5.03 -7.69 -7.87
CA GLU A 24 5.12 -8.54 -6.69
C GLU A 24 4.27 -8.00 -5.55
N SER A 25 4.01 -8.88 -4.58
CA SER A 25 3.42 -8.48 -3.32
C SER A 25 4.06 -9.29 -2.21
N VAL A 26 3.77 -8.91 -0.97
CA VAL A 26 4.27 -9.63 0.20
C VAL A 26 3.15 -9.80 1.21
N GLY A 27 3.33 -10.76 2.10
CA GLY A 27 2.35 -11.04 3.13
C GLY A 27 2.48 -10.19 4.37
N GLU A 28 1.50 -10.38 5.26
CA GLU A 28 1.42 -9.61 6.49
C GLU A 28 2.63 -9.82 7.38
N GLY A 29 3.28 -10.98 7.33
CA GLY A 29 4.42 -11.28 8.15
C GLY A 29 5.74 -11.05 7.47
N HIS A 30 5.74 -10.54 6.24
CA HIS A 30 6.99 -10.12 5.64
C HIS A 30 7.59 -9.02 6.52
N PRO A 31 8.90 -9.03 6.80
N PRO A 31 8.88 -9.05 6.82
CA PRO A 31 9.42 -8.13 7.83
CA PRO A 31 9.41 -8.11 7.84
C PRO A 31 9.27 -6.64 7.54
C PRO A 31 9.19 -6.65 7.53
N ASP A 32 9.35 -6.22 6.28
CA ASP A 32 9.07 -4.83 5.96
C ASP A 32 7.60 -4.51 6.22
N LYS A 33 6.70 -5.41 5.83
CA LYS A 33 5.28 -5.16 6.03
C LYS A 33 4.91 -5.19 7.51
N ILE A 34 5.59 -6.00 8.32
CA ILE A 34 5.38 -5.94 9.76
C ILE A 34 5.60 -4.50 10.23
N CYS A 35 6.70 -3.92 9.77
CA CYS A 35 7.04 -2.55 10.17
C CYS A 35 5.97 -1.55 9.73
N ASP A 36 5.52 -1.63 8.50
CA ASP A 36 4.46 -0.75 8.02
C ASP A 36 3.22 -0.87 8.90
N GLN A 37 2.83 -2.11 9.21
CA GLN A 37 1.65 -2.33 10.03
C GLN A 37 1.82 -1.79 11.44
N ILE A 38 2.99 -1.98 12.04
CA ILE A 38 3.22 -1.44 13.38
C ILE A 38 3.22 0.08 13.36
N SER A 39 3.90 0.68 12.39
CA SER A 39 3.90 2.14 12.26
C SER A 39 2.49 2.69 12.17
N ASP A 40 1.61 2.03 11.40
CA ASP A 40 0.23 2.49 11.29
C ASP A 40 -0.62 2.14 12.50
N ALA A 41 -0.31 1.07 13.21
CA ALA A 41 -0.97 0.79 14.48
C ALA A 41 -0.66 1.91 15.48
N VAL A 42 0.59 2.38 15.49
CA VAL A 42 0.96 3.50 16.36
C VAL A 42 0.23 4.76 15.96
N LEU A 43 0.22 5.07 14.65
CA LEU A 43 -0.54 6.22 14.16
C LEU A 43 -2.00 6.15 14.61
N ASP A 44 -2.64 4.99 14.38
CA ASP A 44 -4.05 4.86 14.73
C ASP A 44 -4.25 5.06 16.23
N ALA A 45 -3.37 4.48 17.06
CA ALA A 45 -3.50 4.64 18.51
C ALA A 45 -3.48 6.10 18.90
N HIS A 46 -2.59 6.89 18.31
CA HIS A 46 -2.56 8.32 18.58
C HIS A 46 -3.83 8.99 18.11
N LEU A 47 -4.27 8.70 16.89
CA LEU A 47 -5.42 9.37 16.31
C LEU A 47 -6.70 9.05 17.07
N GLN A 48 -6.80 7.87 17.67
CA GLN A 48 -7.98 7.53 18.46
CA GLN A 48 -7.98 7.53 18.46
CA GLN A 48 -7.99 7.53 18.46
C GLN A 48 -8.19 8.51 19.61
N GLN A 49 -7.10 9.05 20.17
CA GLN A 49 -7.17 9.99 21.27
C GLN A 49 -6.97 11.43 20.88
N ASP A 50 -6.18 11.71 19.85
CA ASP A 50 -5.84 13.07 19.41
C ASP A 50 -5.90 13.08 17.89
N PRO A 51 -7.02 13.48 17.31
CA PRO A 51 -7.14 13.49 15.86
C PRO A 51 -6.13 14.36 15.17
N ASP A 52 -5.50 15.30 15.89
CA ASP A 52 -4.50 16.19 15.31
C ASP A 52 -3.09 15.79 15.65
N ALA A 53 -2.87 14.56 16.08
CA ALA A 53 -1.51 14.10 16.37
C ALA A 53 -0.63 14.28 15.16
N LYS A 54 0.61 14.70 15.41
CA LYS A 54 1.65 14.77 14.41
C LYS A 54 2.52 13.55 14.60
N VAL A 55 2.54 12.65 13.63
CA VAL A 55 3.13 11.34 13.74
C VAL A 55 4.05 11.08 12.56
N ALA A 56 5.26 10.62 12.86
CA ALA A 56 6.26 10.20 11.87
C ALA A 56 7.00 9.03 12.50
N CYS A 57 6.35 7.88 12.53
CA CYS A 57 6.83 6.73 13.27
C CYS A 57 7.42 5.68 12.33
N GLU A 58 8.74 5.51 12.37
CA GLU A 58 9.43 4.45 11.65
C GLU A 58 9.55 3.25 12.58
N THR A 59 9.45 2.06 12.02
CA THR A 59 9.65 0.80 12.72
C THR A 59 10.78 0.04 12.05
N VAL A 60 11.60 -0.58 12.87
CA VAL A 60 12.67 -1.48 12.43
C VAL A 60 12.47 -2.82 13.10
N ALA A 61 12.65 -3.91 12.37
CA ALA A 61 12.48 -5.25 12.92
C ALA A 61 13.66 -6.13 12.57
N LYS A 62 14.21 -6.82 13.56
CA LYS A 62 15.24 -7.82 13.36
C LYS A 62 14.97 -8.90 14.40
N THR A 63 15.74 -9.99 14.41
CA THR A 63 15.51 -11.06 15.36
C THR A 63 15.22 -10.52 16.75
N GLY A 64 14.05 -10.84 17.29
CA GLY A 64 13.68 -10.48 18.65
C GLY A 64 13.44 -9.03 18.93
N MET A 65 13.43 -8.15 17.94
CA MET A 65 13.40 -6.71 18.20
C MET A 65 12.43 -5.98 17.30
N ILE A 66 11.59 -5.15 17.91
CA ILE A 66 10.89 -4.07 17.23
C ILE A 66 11.42 -2.78 17.84
N LEU A 67 11.96 -1.88 17.02
CA LEU A 67 12.38 -0.56 17.42
C LEU A 67 11.48 0.47 16.75
N LEU A 68 10.93 1.38 17.52
CA LEU A 68 10.24 2.55 17.00
C LEU A 68 11.17 3.75 17.03
N ALA A 69 11.32 4.44 15.93
CA ALA A 69 12.18 5.61 15.85
C ALA A 69 11.47 6.71 15.07
N GLY A 70 11.56 7.95 15.52
CA GLY A 70 10.85 9.01 14.82
C GLY A 70 10.33 10.06 15.76
N GLU A 71 9.28 10.73 15.30
CA GLU A 71 8.85 11.98 15.89
C GLU A 71 7.33 11.99 16.02
N ILE A 72 6.86 12.18 17.24
CA ILE A 72 5.43 12.24 17.54
C ILE A 72 5.17 13.39 18.52
N THR A 73 4.28 14.30 18.16
CA THR A 73 3.75 15.29 19.07
C THR A 73 2.24 15.10 19.13
N SER A 74 1.74 14.76 20.32
CA SER A 74 0.37 14.27 20.45
C SER A 74 -0.07 14.42 21.89
N ARG A 75 -1.35 14.70 22.08
N ARG A 75 -1.35 14.69 22.06
CA ARG A 75 -1.92 14.70 23.43
CA ARG A 75 -2.00 14.71 23.37
C ARG A 75 -2.24 13.29 23.92
C ARG A 75 -2.40 13.33 23.86
N ALA A 76 -2.19 12.30 23.06
CA ALA A 76 -2.58 10.95 23.44
C ALA A 76 -1.59 10.36 24.43
N ALA A 77 -2.07 9.43 25.25
CA ALA A 77 -1.23 8.59 26.09
C ALA A 77 -1.26 7.18 25.51
N VAL A 78 -0.19 6.79 24.84
CA VAL A 78 -0.15 5.53 24.10
C VAL A 78 0.80 4.56 24.78
N ASP A 79 0.33 3.33 24.96
CA ASP A 79 1.13 2.24 25.52
C ASP A 79 1.79 1.55 24.34
N TYR A 80 3.02 1.95 24.01
CA TYR A 80 3.70 1.41 22.85
C TYR A 80 3.92 -0.10 22.96
N GLN A 81 4.22 -0.60 24.16
CA GLN A 81 4.39 -2.04 24.34
C GLN A 81 3.14 -2.79 23.90
N LYS A 82 1.98 -2.35 24.35
CA LYS A 82 0.75 -3.02 24.00
C LYS A 82 0.45 -2.90 22.52
N VAL A 83 0.61 -1.69 21.96
CA VAL A 83 0.23 -1.47 20.57
C VAL A 83 1.12 -2.32 19.66
N VAL A 84 2.42 -2.30 19.89
CA VAL A 84 3.32 -3.11 19.08
C VAL A 84 3.00 -4.59 19.21
N ARG A 85 2.85 -5.06 20.43
CA ARG A 85 2.70 -6.50 20.63
C ARG A 85 1.38 -6.99 20.08
N GLU A 86 0.34 -6.21 20.22
CA GLU A 86 -0.95 -6.60 19.65
C GLU A 86 -0.89 -6.68 18.13
N ALA A 87 -0.17 -5.75 17.48
CA ALA A 87 -0.01 -5.82 16.02
C ALA A 87 0.71 -7.09 15.60
N VAL A 88 1.76 -7.45 16.31
CA VAL A 88 2.51 -8.67 15.98
C VAL A 88 1.69 -9.91 16.24
N LYS A 89 0.91 -9.91 17.32
N LYS A 89 0.91 -9.91 17.32
CA LYS A 89 -0.04 -11.00 17.58
CA LYS A 89 -0.03 -11.00 17.57
C LYS A 89 -1.00 -11.18 16.42
C LYS A 89 -1.00 -11.19 16.42
N HIS A 90 -1.59 -10.08 15.94
CA HIS A 90 -2.55 -10.17 14.85
C HIS A 90 -1.93 -10.77 13.58
N ILE A 91 -0.69 -10.42 13.29
CA ILE A 91 0.03 -10.94 12.13
C ILE A 91 0.23 -12.43 12.25
N GLY A 92 0.44 -12.94 13.47
CA GLY A 92 0.54 -14.36 13.72
C GLY A 92 1.87 -14.82 14.31
N TYR A 93 2.75 -13.91 14.70
CA TYR A 93 4.05 -14.31 15.28
C TYR A 93 3.89 -14.44 16.78
N ASP A 94 3.59 -15.66 17.22
CA ASP A 94 3.17 -15.92 18.59
C ASP A 94 3.95 -17.06 19.23
N ASP A 95 5.12 -17.41 18.73
CA ASP A 95 5.87 -18.51 19.33
C ASP A 95 7.27 -18.51 18.81
N SER A 96 8.21 -18.87 19.67
CA SER A 96 9.61 -18.93 19.25
C SER A 96 9.81 -19.94 18.14
N SER A 97 8.94 -20.94 18.02
CA SER A 97 9.09 -21.90 16.95
C SER A 97 8.89 -21.29 15.58
N LYS A 98 8.16 -20.16 15.48
CA LYS A 98 7.89 -19.45 14.24
C LYS A 98 8.94 -18.40 13.95
N GLY A 99 9.85 -18.17 14.88
CA GLY A 99 10.94 -17.24 14.72
C GLY A 99 10.73 -15.89 15.36
N PHE A 100 9.54 -15.63 15.90
CA PHE A 100 9.24 -14.33 16.49
C PHE A 100 7.99 -14.52 17.34
N ASP A 101 7.94 -13.84 18.48
CA ASP A 101 6.83 -13.98 19.41
C ASP A 101 6.51 -12.62 20.02
N TYR A 102 5.27 -12.16 19.81
CA TYR A 102 4.83 -10.89 20.39
C TYR A 102 4.93 -10.89 21.90
N LYS A 103 4.84 -12.05 22.54
CA LYS A 103 4.81 -12.07 24.00
C LYS A 103 6.18 -11.77 24.59
N THR A 104 7.25 -12.11 23.87
CA THR A 104 8.59 -12.17 24.45
C THR A 104 9.64 -11.37 23.69
N CYS A 105 9.29 -10.73 22.59
CA CYS A 105 10.25 -9.92 21.86
C CYS A 105 10.57 -8.63 22.64
N ASN A 106 11.66 -7.99 22.23
CA ASN A 106 12.05 -6.69 22.74
C ASN A 106 11.34 -5.61 21.97
N VAL A 107 10.79 -4.65 22.67
CA VAL A 107 10.21 -3.46 22.05
C VAL A 107 10.98 -2.26 22.62
N LEU A 108 11.72 -1.57 21.75
CA LEU A 108 12.56 -0.43 22.08
C LEU A 108 11.96 0.82 21.45
N VAL A 109 12.03 1.95 22.15
CA VAL A 109 11.41 3.17 21.67
C VAL A 109 12.42 4.31 21.69
N ALA A 110 12.59 4.96 20.52
CA ALA A 110 13.45 6.13 20.34
C ALA A 110 12.61 7.21 19.66
N LEU A 111 11.60 7.69 20.36
CA LEU A 111 10.64 8.64 19.82
C LEU A 111 10.82 9.96 20.53
N GLU A 112 10.86 11.04 19.78
CA GLU A 112 10.97 12.40 20.26
CA GLU A 112 10.92 12.38 20.34
C GLU A 112 9.80 13.21 19.76
N GLN A 113 9.66 14.41 20.26
CA GLN A 113 8.70 15.33 19.69
C GLN A 113 9.06 15.69 18.25
N GLN A 114 8.04 16.12 17.49
CA GLN A 114 8.30 16.72 16.20
C GLN A 114 9.23 17.91 16.35
N SER A 115 10.19 18.05 15.45
CA SER A 115 11.06 19.22 15.44
C SER A 115 10.24 20.50 15.55
N PRO A 116 10.58 21.39 16.48
CA PRO A 116 9.86 22.68 16.54
CA PRO A 116 9.85 22.67 16.53
C PRO A 116 10.05 23.52 15.29
N ASP A 117 11.18 23.36 14.58
CA ASP A 117 11.42 24.10 13.35
C ASP A 117 10.46 23.65 12.26
N ILE A 118 10.19 22.34 12.19
CA ILE A 118 9.19 21.84 11.25
C ILE A 118 7.82 22.34 11.65
N ALA A 119 7.49 22.20 12.94
CA ALA A 119 6.14 22.56 13.37
C ALA A 119 5.84 24.00 13.04
N GLN A 120 6.77 24.91 13.33
CA GLN A 120 6.53 26.32 13.07
C GLN A 120 6.39 26.61 11.60
N GLY A 121 7.07 25.87 10.76
CA GLY A 121 7.01 26.14 9.32
C GLY A 121 5.84 25.50 8.61
N VAL A 122 5.20 24.51 9.22
CA VAL A 122 4.16 23.71 8.60
C VAL A 122 2.79 24.07 9.12
N HIS A 123 2.60 24.05 10.43
CA HIS A 123 1.24 24.07 10.96
C HIS A 123 1.00 24.99 12.13
N LEU A 124 2.00 25.44 12.87
CA LEU A 124 1.77 26.31 14.02
CA LEU A 124 1.69 26.26 14.03
C LEU A 124 1.10 27.59 13.60
N ASP A 125 0.02 27.97 14.27
CA ASP A 125 -0.66 29.23 14.02
C ASP A 125 -1.12 29.35 12.57
N ARG A 126 -1.50 28.23 11.95
CA ARG A 126 -2.10 28.25 10.62
CA ARG A 126 -2.10 28.24 10.63
C ARG A 126 -3.51 27.71 10.65
N ASN A 127 -4.37 28.33 9.85
CA ASN A 127 -5.71 27.84 9.64
C ASN A 127 -5.62 26.45 9.01
N GLU A 128 -6.46 25.51 9.44
CA GLU A 128 -6.28 24.14 9.01
C GLU A 128 -6.27 24.02 7.49
N GLU A 129 -7.19 24.68 6.80
CA GLU A 129 -7.24 24.54 5.35
C GLU A 129 -5.96 25.05 4.69
N ASP A 130 -5.25 25.94 5.38
CA ASP A 130 -4.04 26.61 4.86
C ASP A 130 -2.77 26.11 5.50
N ILE A 131 -2.80 24.94 6.14
CA ILE A 131 -1.58 24.35 6.65
CA ILE A 131 -1.59 24.32 6.65
C ILE A 131 -0.64 24.07 5.49
N GLY A 132 0.63 24.21 5.73
CA GLY A 132 1.60 23.88 4.71
C GLY A 132 1.80 22.39 4.54
N ALA A 133 2.25 22.00 3.35
CA ALA A 133 2.72 20.63 3.20
C ALA A 133 3.76 20.32 4.27
N GLY A 134 3.73 19.11 4.81
CA GLY A 134 4.68 18.73 5.85
C GLY A 134 6.08 18.47 5.36
N ASP A 135 6.27 18.44 4.05
CA ASP A 135 7.57 18.25 3.44
C ASP A 135 7.43 18.66 1.98
N GLN A 136 8.56 18.83 1.29
CA GLN A 136 8.54 18.83 -0.17
C GLN A 136 8.31 17.42 -0.67
N GLY A 137 8.12 17.28 -1.96
CA GLY A 137 8.15 15.98 -2.61
C GLY A 137 7.18 15.92 -3.77
N LEU A 138 7.22 14.78 -4.45
CA LEU A 138 6.38 14.52 -5.62
C LEU A 138 5.62 13.21 -5.38
N MET A 139 4.42 13.15 -5.90
CA MET A 139 3.51 12.04 -5.66
C MET A 139 2.74 11.78 -6.93
N PHE A 140 2.39 10.51 -7.18
CA PHE A 140 1.61 10.16 -8.35
C PHE A 140 0.38 9.37 -7.95
N GLY A 141 -0.67 9.53 -8.76
CA GLY A 141 -1.85 8.66 -8.72
C GLY A 141 -2.04 8.03 -10.09
N TYR A 142 -2.53 6.81 -10.09
CA TYR A 142 -2.71 6.05 -11.30
C TYR A 142 -4.02 5.29 -11.23
N ALA A 143 -4.63 5.11 -12.41
CA ALA A 143 -5.77 4.22 -12.54
C ALA A 143 -5.77 3.63 -13.94
N THR A 144 -6.25 2.39 -14.03
CA THR A 144 -6.33 1.64 -15.27
C THR A 144 -7.62 0.88 -15.32
N ASP A 145 -8.31 0.91 -16.45
CA ASP A 145 -9.61 0.25 -16.59
C ASP A 145 -9.49 -1.26 -16.78
N GLU A 146 -8.31 -1.84 -16.64
CA GLU A 146 -8.14 -3.25 -16.97
C GLU A 146 -8.81 -4.14 -15.94
N THR A 147 -9.11 -3.64 -14.73
CA THR A 147 -9.88 -4.35 -13.71
C THR A 147 -10.96 -3.42 -13.18
N GLU A 148 -12.00 -3.99 -12.58
CA GLU A 148 -13.08 -3.16 -12.03
CA GLU A 148 -13.08 -3.16 -12.03
C GLU A 148 -12.56 -2.20 -10.97
N GLU A 149 -11.61 -2.65 -10.16
CA GLU A 149 -11.08 -1.78 -9.11
C GLU A 149 -10.04 -0.82 -9.62
N CYS A 150 -9.85 -0.76 -10.93
CA CYS A 150 -9.02 0.24 -11.57
C CYS A 150 -7.56 0.11 -11.22
N MET A 151 -7.11 -1.12 -11.06
CA MET A 151 -5.74 -1.48 -10.72
C MET A 151 -5.13 -2.44 -11.74
N PRO A 152 -3.80 -2.46 -11.86
CA PRO A 152 -3.17 -3.46 -12.72
C PRO A 152 -3.47 -4.89 -12.25
N LEU A 153 -3.72 -5.77 -13.20
CA LEU A 153 -4.00 -7.16 -12.85
C LEU A 153 -2.81 -7.82 -12.17
N THR A 154 -1.58 -7.50 -12.59
CA THR A 154 -0.40 -8.12 -12.00
C THR A 154 -0.36 -7.95 -10.48
N ILE A 155 -0.57 -6.71 -10.02
CA ILE A 155 -0.50 -6.44 -8.59
C ILE A 155 -1.72 -6.96 -7.85
N VAL A 156 -2.91 -6.88 -8.44
CA VAL A 156 -4.09 -7.44 -7.79
C VAL A 156 -3.89 -8.92 -7.52
N LEU A 157 -3.45 -9.67 -8.53
CA LEU A 157 -3.27 -11.11 -8.37
C LEU A 157 -2.18 -11.39 -7.34
N ALA A 158 -1.07 -10.65 -7.38
CA ALA A 158 -0.01 -10.88 -6.42
C ALA A 158 -0.48 -10.66 -4.98
N HIS A 159 -1.26 -9.60 -4.74
CA HIS A 159 -1.80 -9.35 -3.40
C HIS A 159 -2.72 -10.49 -3.01
N LYS A 160 -3.62 -10.91 -3.92
CA LYS A 160 -4.61 -11.93 -3.57
C LYS A 160 -3.94 -13.25 -3.25
N LEU A 161 -2.82 -13.58 -3.87
CA LEU A 161 -2.11 -14.80 -3.53
C LEU A 161 -1.59 -14.75 -2.09
N ASN A 162 -1.05 -13.62 -1.65
CA ASN A 162 -0.66 -13.49 -0.25
C ASN A 162 -1.84 -13.56 0.68
N ALA A 163 -2.96 -12.93 0.33
CA ALA A 163 -4.13 -12.98 1.18
C ALA A 163 -4.62 -14.41 1.32
N LYS A 164 -4.57 -15.18 0.24
CA LYS A 164 -5.00 -16.57 0.27
C LYS A 164 -4.12 -17.39 1.20
N LEU A 165 -2.80 -17.16 1.16
CA LEU A 165 -1.92 -17.84 2.11
C LEU A 165 -2.31 -17.53 3.55
N ALA A 166 -2.56 -16.26 3.87
CA ALA A 166 -2.93 -15.91 5.24
C ALA A 166 -4.24 -16.56 5.62
N GLU A 167 -5.18 -16.66 4.68
CA GLU A 167 -6.46 -17.27 4.95
C GLU A 167 -6.30 -18.73 5.30
N LEU A 168 -5.49 -19.47 4.54
CA LEU A 168 -5.34 -20.90 4.75
C LEU A 168 -4.46 -21.20 5.95
N ARG A 169 -3.59 -20.25 6.33
CA ARG A 169 -2.87 -20.37 7.60
C ARG A 169 -3.84 -20.22 8.76
N ARG A 170 -4.64 -19.16 8.72
CA ARG A 170 -5.52 -18.83 9.84
C ARG A 170 -6.65 -19.82 9.99
N ASN A 171 -7.11 -20.46 8.91
CA ASN A 171 -8.21 -21.41 9.03
C ASN A 171 -7.73 -22.81 9.30
N GLY A 172 -6.41 -23.02 9.40
CA GLY A 172 -5.85 -24.27 9.79
C GLY A 172 -5.79 -25.32 8.73
N THR A 173 -6.15 -24.99 7.50
CA THR A 173 -6.07 -26.05 6.50
C THR A 173 -4.66 -26.31 6.00
N LEU A 174 -3.77 -25.30 6.02
CA LEU A 174 -2.35 -25.49 5.72
C LEU A 174 -1.58 -25.05 6.96
N PRO A 175 -1.59 -25.88 8.02
CA PRO A 175 -1.06 -25.41 9.31
CA PRO A 175 -1.06 -25.41 9.31
C PRO A 175 0.45 -25.28 9.35
N TRP A 176 1.16 -25.77 8.34
CA TRP A 176 2.59 -25.58 8.23
C TRP A 176 2.96 -24.19 7.73
N LEU A 177 2.03 -23.38 7.28
CA LEU A 177 2.33 -22.04 6.84
C LEU A 177 2.72 -21.16 8.01
N ARG A 178 3.62 -20.22 7.73
CA ARG A 178 3.99 -19.15 8.65
CA ARG A 178 3.93 -19.15 8.67
CA ARG A 178 4.00 -19.14 8.64
C ARG A 178 3.67 -17.80 8.01
N PRO A 179 3.77 -16.69 8.75
CA PRO A 179 3.23 -15.43 8.24
C PRO A 179 4.02 -14.74 7.13
N ASP A 180 5.32 -15.02 6.97
CA ASP A 180 6.19 -14.32 6.03
C ASP A 180 6.01 -14.94 4.64
N SER A 181 5.61 -14.15 3.64
CA SER A 181 5.45 -14.68 2.29
C SER A 181 5.73 -13.58 1.28
N LYS A 182 6.04 -14.01 0.06
CA LYS A 182 6.19 -13.13 -1.09
C LYS A 182 5.60 -13.85 -2.29
N THR A 183 5.06 -13.06 -3.22
CA THR A 183 4.49 -13.60 -4.45
C THR A 183 4.88 -12.70 -5.60
N GLN A 184 4.81 -13.22 -6.82
CA GLN A 184 5.20 -12.42 -7.98
C GLN A 184 4.46 -12.96 -9.18
N VAL A 185 3.86 -12.09 -9.98
CA VAL A 185 3.04 -12.49 -11.11
C VAL A 185 3.49 -11.74 -12.35
N THR A 186 3.76 -12.49 -13.41
CA THR A 186 4.12 -11.96 -14.73
C THR A 186 2.94 -12.22 -15.65
N VAL A 187 2.40 -11.16 -16.27
CA VAL A 187 1.28 -11.24 -17.20
C VAL A 187 1.74 -10.79 -18.57
N GLN A 188 1.25 -11.47 -19.60
CA GLN A 188 1.39 -11.01 -20.97
C GLN A 188 0.23 -10.09 -21.29
N TYR A 189 0.56 -8.87 -21.72
CA TYR A 189 -0.40 -7.85 -22.06
C TYR A 189 -0.40 -7.55 -23.55
N MET A 190 -1.55 -7.13 -24.05
N MET A 190 -1.56 -7.09 -24.03
CA MET A 190 -1.70 -6.59 -25.39
CA MET A 190 -1.78 -6.61 -25.38
C MET A 190 -2.00 -5.10 -25.30
C MET A 190 -2.11 -5.12 -25.36
N GLN A 191 -1.53 -4.38 -26.29
CA GLN A 191 -1.85 -2.95 -26.43
C GLN A 191 -3.29 -2.81 -26.90
N ASP A 192 -3.96 -1.74 -26.43
CA ASP A 192 -5.30 -1.44 -26.91
C ASP A 192 -5.54 0.08 -26.84
N ARG A 193 -5.06 0.78 -27.84
CA ARG A 193 -5.34 2.20 -28.00
C ARG A 193 -4.88 2.99 -26.79
N GLY A 194 -3.67 2.70 -26.32
CA GLY A 194 -3.11 3.37 -25.17
C GLY A 194 -3.37 2.67 -23.86
N ALA A 195 -4.46 1.92 -23.78
CA ALA A 195 -4.77 1.07 -22.64
C ALA A 195 -4.08 -0.26 -22.79
N VAL A 196 -4.17 -1.08 -21.75
CA VAL A 196 -3.53 -2.40 -21.77
C VAL A 196 -4.57 -3.46 -21.42
N LEU A 197 -4.46 -4.62 -22.07
N LEU A 197 -4.44 -4.63 -22.03
CA LEU A 197 -5.37 -5.73 -21.89
CA LEU A 197 -5.39 -5.73 -21.87
C LEU A 197 -4.58 -6.96 -21.43
C LEU A 197 -4.66 -7.00 -21.48
N PRO A 198 -4.88 -7.55 -20.28
CA PRO A 198 -4.18 -8.76 -19.89
C PRO A 198 -4.66 -9.95 -20.70
N ILE A 199 -3.71 -10.77 -21.15
CA ILE A 199 -3.98 -11.96 -21.97
CA ILE A 199 -4.00 -11.95 -21.96
C ILE A 199 -3.85 -13.25 -21.16
N ARG A 200 -2.70 -13.43 -20.50
CA ARG A 200 -2.40 -14.69 -19.83
CA ARG A 200 -2.40 -14.69 -19.83
C ARG A 200 -1.38 -14.43 -18.74
N VAL A 201 -1.35 -15.34 -17.78
CA VAL A 201 -0.33 -15.35 -16.75
C VAL A 201 0.81 -16.22 -17.25
N HIS A 202 2.00 -15.62 -17.37
CA HIS A 202 3.19 -16.28 -17.90
C HIS A 202 3.98 -16.99 -16.82
N THR A 203 4.14 -16.39 -15.64
CA THR A 203 4.95 -16.94 -14.56
C THR A 203 4.37 -16.52 -13.24
N ILE A 204 4.36 -17.43 -12.26
CA ILE A 204 4.02 -17.13 -10.87
C ILE A 204 5.14 -17.64 -9.96
N VAL A 205 5.54 -16.81 -9.03
CA VAL A 205 6.43 -17.16 -7.93
C VAL A 205 5.65 -17.10 -6.63
N ILE A 206 5.83 -18.09 -5.77
CA ILE A 206 5.38 -18.02 -4.39
C ILE A 206 6.48 -18.56 -3.50
N SER A 207 6.89 -17.78 -2.50
CA SER A 207 7.76 -18.22 -1.43
C SER A 207 7.09 -17.93 -0.11
N VAL A 208 6.99 -18.92 0.76
CA VAL A 208 6.34 -18.74 2.05
C VAL A 208 7.05 -19.52 3.14
N GLN A 209 7.22 -18.89 4.28
CA GLN A 209 7.86 -19.52 5.42
C GLN A 209 7.00 -20.69 5.89
N HIS A 210 7.68 -21.72 6.39
CA HIS A 210 6.99 -22.97 6.70
C HIS A 210 7.65 -23.67 7.86
N ASP A 211 6.92 -24.64 8.43
CA ASP A 211 7.45 -25.42 9.54
C ASP A 211 8.49 -26.43 9.08
N GLU A 212 9.18 -26.99 10.06
CA GLU A 212 10.30 -27.92 9.84
CA GLU A 212 10.29 -27.91 9.80
C GLU A 212 9.84 -29.29 9.39
N GLU A 213 8.56 -29.61 9.50
CA GLU A 213 8.10 -30.96 9.23
C GLU A 213 7.59 -31.17 7.80
N VAL A 214 7.02 -30.16 7.14
CA VAL A 214 6.38 -30.39 5.86
C VAL A 214 7.43 -30.52 4.77
N CYS A 215 7.17 -31.40 3.80
CA CYS A 215 8.14 -31.55 2.73
C CYS A 215 7.83 -30.69 1.53
N LEU A 216 8.84 -30.51 0.71
CA LEU A 216 8.76 -29.61 -0.41
C LEU A 216 7.65 -30.00 -1.38
N ASP A 217 7.48 -31.29 -1.69
CA ASP A 217 6.47 -31.67 -2.66
C ASP A 217 5.06 -31.41 -2.13
N GLU A 218 4.83 -31.65 -0.84
CA GLU A 218 3.54 -31.31 -0.26
C GLU A 218 3.28 -29.82 -0.38
N MET A 219 4.29 -28.99 -0.11
CA MET A 219 4.11 -27.55 -0.21
C MET A 219 3.83 -27.13 -1.64
N ARG A 220 4.63 -27.63 -2.59
CA ARG A 220 4.46 -27.20 -3.97
CA ARG A 220 4.46 -27.19 -3.97
C ARG A 220 3.11 -27.62 -4.51
N ASP A 221 2.65 -28.82 -4.17
CA ASP A 221 1.33 -29.25 -4.61
C ASP A 221 0.24 -28.37 -4.01
N ALA A 222 0.34 -28.05 -2.72
CA ALA A 222 -0.67 -27.21 -2.10
C ALA A 222 -0.66 -25.80 -2.67
N LEU A 223 0.52 -25.26 -2.91
CA LEU A 223 0.59 -23.90 -3.44
C LEU A 223 -0.06 -23.82 -4.82
N LYS A 224 0.07 -24.85 -5.65
CA LYS A 224 -0.57 -24.82 -6.95
CA LYS A 224 -0.57 -24.82 -6.95
C LYS A 224 -2.07 -25.04 -6.81
N GLU A 225 -2.49 -26.07 -6.09
CA GLU A 225 -3.88 -26.47 -6.10
C GLU A 225 -4.76 -25.68 -5.17
N LYS A 226 -4.26 -25.29 -4.00
CA LYS A 226 -5.07 -24.62 -3.00
CA LYS A 226 -5.08 -24.62 -3.00
C LYS A 226 -4.85 -23.12 -2.93
N VAL A 227 -3.78 -22.63 -3.52
CA VAL A 227 -3.48 -21.20 -3.52
C VAL A 227 -3.69 -20.63 -4.91
N ILE A 228 -2.85 -21.01 -5.88
CA ILE A 228 -2.97 -20.43 -7.22
C ILE A 228 -4.31 -20.70 -7.84
N LYS A 229 -4.78 -21.95 -7.82
CA LYS A 229 -6.05 -22.23 -8.48
C LYS A 229 -7.22 -21.59 -7.77
N ALA A 230 -7.09 -21.29 -6.49
CA ALA A 230 -8.13 -20.61 -5.75
C ALA A 230 -8.15 -19.11 -5.97
N VAL A 231 -7.18 -18.55 -6.67
CA VAL A 231 -7.01 -17.12 -6.83
C VAL A 231 -7.06 -16.69 -8.29
N VAL A 232 -6.27 -17.35 -9.13
CA VAL A 232 -6.07 -16.93 -10.52
C VAL A 232 -7.08 -17.63 -11.41
N PRO A 233 -7.91 -16.90 -12.14
CA PRO A 233 -8.84 -17.55 -13.08
C PRO A 233 -8.14 -18.47 -14.07
N ALA A 234 -8.73 -19.64 -14.27
CA ALA A 234 -8.15 -20.65 -15.14
C ALA A 234 -7.96 -20.13 -16.55
N LYS A 235 -8.77 -19.19 -17.00
CA LYS A 235 -8.63 -18.65 -18.35
C LYS A 235 -7.26 -18.01 -18.56
N TYR A 236 -6.59 -17.59 -17.50
CA TYR A 236 -5.26 -16.98 -17.61
C TYR A 236 -4.15 -18.00 -17.52
N LEU A 237 -4.42 -19.25 -17.15
CA LEU A 237 -3.39 -20.25 -16.89
C LEU A 237 -3.43 -21.26 -18.02
N ASP A 238 -2.28 -21.67 -18.51
CA ASP A 238 -2.25 -22.70 -19.55
C ASP A 238 -1.08 -23.62 -19.32
N GLU A 239 -0.90 -24.57 -20.24
N GLU A 239 -0.90 -24.58 -20.23
CA GLU A 239 0.14 -25.56 -20.05
CA GLU A 239 0.15 -25.57 -20.03
C GLU A 239 1.53 -24.95 -20.05
C GLU A 239 1.55 -24.97 -20.12
N ASP A 240 1.69 -23.74 -20.60
CA ASP A 240 2.98 -23.09 -20.70
C ASP A 240 3.30 -22.20 -19.50
N THR A 241 2.32 -21.92 -18.64
CA THR A 241 2.59 -21.05 -17.50
C THR A 241 3.68 -21.69 -16.64
N ILE A 242 4.61 -20.87 -16.20
CA ILE A 242 5.77 -21.31 -15.42
C ILE A 242 5.50 -21.03 -13.95
N TYR A 243 5.77 -22.04 -13.11
CA TYR A 243 5.55 -21.94 -11.68
C TYR A 243 6.87 -22.10 -10.94
N HIS A 244 7.21 -21.12 -10.10
CA HIS A 244 8.36 -21.18 -9.18
C HIS A 244 7.81 -21.14 -7.78
N LEU A 245 7.59 -22.33 -7.20
CA LEU A 245 6.91 -22.50 -5.91
C LEU A 245 7.96 -22.99 -4.93
N GLN A 246 8.16 -22.25 -3.85
CA GLN A 246 9.25 -22.50 -2.91
C GLN A 246 10.57 -22.67 -3.69
N PRO A 247 10.92 -21.73 -4.56
CA PRO A 247 12.13 -21.90 -5.40
C PRO A 247 13.42 -21.94 -4.62
N SER A 248 13.48 -21.40 -3.41
CA SER A 248 14.71 -21.49 -2.63
C SER A 248 14.93 -22.88 -2.05
N GLY A 249 13.91 -23.73 -2.02
CA GLY A 249 14.02 -25.06 -1.49
C GLY A 249 13.77 -25.20 -0.01
N ARG A 250 13.97 -24.15 0.78
CA ARG A 250 13.81 -24.23 2.23
C ARG A 250 13.63 -22.81 2.76
N PHE A 251 12.59 -22.59 3.54
CA PHE A 251 12.23 -21.29 4.08
C PHE A 251 11.63 -21.54 5.47
N VAL A 252 12.42 -22.11 6.38
CA VAL A 252 11.99 -22.34 7.77
C VAL A 252 12.27 -21.10 8.61
N ILE A 253 13.48 -20.54 8.47
CA ILE A 253 13.82 -19.26 9.08
C ILE A 253 13.14 -18.17 8.28
N GLY A 254 12.38 -17.32 8.95
CA GLY A 254 11.66 -16.26 8.27
C GLY A 254 11.28 -15.16 9.22
N GLY A 255 10.47 -14.23 8.75
CA GLY A 255 10.19 -13.04 9.51
C GLY A 255 11.46 -12.24 9.73
N PRO A 256 11.46 -11.38 10.74
CA PRO A 256 12.65 -10.54 11.02
C PRO A 256 13.91 -11.34 11.24
N GLN A 257 13.81 -12.56 11.74
CA GLN A 257 14.98 -13.39 11.92
C GLN A 257 15.66 -13.69 10.59
N GLY A 258 14.91 -13.88 9.53
CA GLY A 258 15.53 -14.14 8.23
C GLY A 258 16.02 -12.92 7.51
N ASP A 259 15.47 -11.75 7.79
CA ASP A 259 15.74 -10.55 7.00
C ASP A 259 15.23 -9.34 7.77
N ALA A 260 16.06 -8.34 7.99
CA ALA A 260 15.61 -7.14 8.67
C ALA A 260 14.48 -6.48 7.89
N GLY A 261 13.56 -5.90 8.63
CA GLY A 261 12.48 -5.13 8.04
C GLY A 261 12.57 -3.68 8.49
N LEU A 262 12.07 -2.78 7.63
CA LEU A 262 11.96 -1.37 7.90
C LEU A 262 10.67 -0.84 7.33
N THR A 263 10.11 0.19 7.96
CA THR A 263 8.95 0.89 7.37
C THR A 263 9.33 1.51 6.04
N GLY A 264 8.43 1.48 5.09
CA GLY A 264 8.61 2.21 3.85
C GLY A 264 9.57 1.60 2.87
N ARG A 265 9.74 0.29 2.92
CA ARG A 265 10.60 -0.47 2.02
C ARG A 265 9.80 -1.34 1.07
N LYS A 266 8.48 -1.13 1.01
CA LYS A 266 7.60 -1.85 0.09
C LYS A 266 6.69 -0.87 -0.64
N ILE A 267 7.25 0.26 -1.09
CA ILE A 267 6.42 1.35 -1.60
C ILE A 267 5.79 1.05 -2.93
N ILE A 268 6.39 0.14 -3.70
CA ILE A 268 5.84 -0.25 -4.98
C ILE A 268 4.75 -1.31 -4.79
N VAL A 269 4.93 -2.25 -3.85
CA VAL A 269 3.85 -3.15 -3.40
C VAL A 269 2.68 -2.37 -2.87
N ASP A 270 2.94 -1.25 -2.18
CA ASP A 270 1.88 -0.47 -1.57
C ASP A 270 1.02 0.26 -2.58
N THR A 271 1.52 0.44 -3.81
CA THR A 271 0.92 1.33 -4.80
C THR A 271 0.45 0.52 -6.00
N TYR A 272 1.20 0.49 -7.10
CA TYR A 272 0.68 -0.02 -8.37
C TYR A 272 1.54 -1.13 -8.93
N GLY A 273 2.45 -1.72 -8.15
CA GLY A 273 3.20 -2.85 -8.65
C GLY A 273 4.12 -2.51 -9.79
N GLY A 274 4.55 -1.24 -9.87
CA GLY A 274 5.47 -0.79 -10.89
C GLY A 274 4.83 -0.03 -12.00
N TRP A 275 3.53 -0.10 -12.12
CA TRP A 275 2.79 0.64 -13.12
C TRP A 275 2.65 2.10 -12.69
N GLY A 276 2.28 2.95 -13.63
CA GLY A 276 2.12 4.35 -13.33
C GLY A 276 3.47 4.99 -13.07
N ALA A 277 3.68 5.49 -11.86
CA ALA A 277 4.95 6.07 -11.42
C ALA A 277 4.89 6.24 -9.91
N HIS A 278 6.05 6.50 -9.31
CA HIS A 278 6.14 6.67 -7.87
C HIS A 278 7.12 7.80 -7.57
N GLY A 279 6.78 8.64 -6.58
CA GLY A 279 7.63 9.75 -6.20
C GLY A 279 8.60 9.47 -5.10
N GLY A 280 8.54 8.29 -4.48
CA GLY A 280 9.54 7.86 -3.51
C GLY A 280 9.10 7.86 -2.07
N GLY A 281 8.02 8.56 -1.75
CA GLY A 281 7.64 8.67 -0.34
C GLY A 281 6.89 7.44 0.16
N ALA A 282 7.15 7.07 1.40
CA ALA A 282 6.45 6.00 2.09
C ALA A 282 5.18 6.52 2.71
N PHE A 283 4.22 5.62 2.91
CA PHE A 283 2.94 5.96 3.50
C PHE A 283 2.87 5.75 5.01
N SER A 284 3.34 4.60 5.52
CA SER A 284 2.95 4.20 6.86
C SER A 284 3.66 5.01 7.93
N GLY A 285 2.95 5.19 9.04
CA GLY A 285 3.49 5.90 10.19
C GLY A 285 3.32 7.41 10.15
N LYS A 286 2.58 7.95 9.18
CA LYS A 286 2.53 9.38 8.92
C LYS A 286 1.09 9.88 8.96
N ASP A 287 0.86 10.99 9.67
CA ASP A 287 -0.41 11.67 9.66
C ASP A 287 -0.61 12.47 8.37
N TYR A 288 -1.80 13.05 8.24
CA TYR A 288 -2.23 13.63 6.96
C TYR A 288 -1.39 14.81 6.52
N THR A 289 -0.72 15.49 7.45
CA THR A 289 0.09 16.63 7.04
C THR A 289 1.30 16.22 6.22
N LYS A 290 1.68 14.94 6.26
CA LYS A 290 2.75 14.40 5.42
C LYS A 290 2.16 14.05 4.07
N VAL A 291 2.37 14.93 3.10
CA VAL A 291 1.81 14.80 1.76
C VAL A 291 2.28 13.55 1.03
N ASP A 292 3.38 12.93 1.46
CA ASP A 292 3.76 11.65 0.88
C ASP A 292 2.58 10.69 0.90
N ARG A 293 1.79 10.72 1.97
CA ARG A 293 0.60 9.88 2.07
C ARG A 293 -0.63 10.61 1.54
N SER A 294 -0.98 11.75 2.12
CA SER A 294 -2.26 12.36 1.80
C SER A 294 -2.37 12.75 0.33
N ALA A 295 -1.30 13.27 -0.26
CA ALA A 295 -1.39 13.70 -1.65
C ALA A 295 -1.34 12.51 -2.59
N ALA A 296 -0.65 11.43 -2.23
CA ALA A 296 -0.73 10.22 -3.05
C ALA A 296 -2.12 9.62 -3.00
N TYR A 297 -2.76 9.64 -1.83
CA TYR A 297 -4.14 9.18 -1.75
C TYR A 297 -5.06 10.05 -2.59
N ALA A 298 -4.90 11.36 -2.49
CA ALA A 298 -5.72 12.27 -3.28
C ALA A 298 -5.47 12.09 -4.77
N ALA A 299 -4.22 11.84 -5.15
CA ALA A 299 -3.93 11.66 -6.57
C ALA A 299 -4.53 10.37 -7.11
N ARG A 300 -4.53 9.30 -6.31
CA ARG A 300 -5.26 8.09 -6.68
C ARG A 300 -6.72 8.40 -6.87
N TRP A 301 -7.30 9.18 -5.95
CA TRP A 301 -8.71 9.54 -6.00
C TRP A 301 -9.01 10.29 -7.28
N VAL A 302 -8.13 11.23 -7.66
CA VAL A 302 -8.32 11.97 -8.90
C VAL A 302 -8.27 11.03 -10.09
N ALA A 303 -7.24 10.17 -10.14
CA ALA A 303 -7.06 9.28 -11.28
C ALA A 303 -8.25 8.34 -11.44
N LYS A 304 -8.67 7.76 -10.33
CA LYS A 304 -9.80 6.83 -10.38
C LYS A 304 -11.07 7.56 -10.76
N SER A 305 -11.24 8.80 -10.30
CA SER A 305 -12.42 9.59 -10.67
C SER A 305 -12.45 9.86 -12.17
N LEU A 306 -11.29 10.14 -12.77
CA LEU A 306 -11.21 10.36 -14.21
C LEU A 306 -11.57 9.10 -14.99
N VAL A 307 -11.11 7.95 -14.56
CA VAL A 307 -11.42 6.71 -15.29
C VAL A 307 -12.88 6.30 -15.06
N LYS A 308 -13.34 6.29 -13.82
CA LYS A 308 -14.72 5.88 -13.59
C LYS A 308 -15.71 6.88 -14.15
N GLY A 309 -15.32 8.14 -14.31
CA GLY A 309 -16.13 9.15 -14.95
C GLY A 309 -16.15 9.10 -16.45
N GLY A 310 -15.45 8.16 -17.04
CA GLY A 310 -15.49 7.97 -18.49
C GLY A 310 -14.61 8.91 -19.27
N LEU A 311 -13.73 9.65 -18.63
CA LEU A 311 -12.91 10.61 -19.33
C LEU A 311 -11.67 9.99 -19.91
N CYS A 312 -11.20 8.90 -19.33
CA CYS A 312 -9.95 8.25 -19.72
CA CYS A 312 -10.07 8.20 -19.91
C CYS A 312 -10.12 6.76 -19.44
N ARG A 313 -9.31 5.92 -20.10
CA ARG A 313 -9.21 4.52 -19.72
C ARG A 313 -8.03 4.25 -18.79
N ARG A 314 -7.03 5.14 -18.80
CA ARG A 314 -5.78 4.94 -18.09
C ARG A 314 -5.19 6.31 -17.90
N VAL A 315 -4.71 6.62 -16.70
CA VAL A 315 -4.26 7.98 -16.44
C VAL A 315 -3.27 7.98 -15.29
N LEU A 316 -2.32 8.92 -15.37
CA LEU A 316 -1.27 9.17 -14.39
C LEU A 316 -1.30 10.65 -14.04
N VAL A 317 -1.35 10.95 -12.76
CA VAL A 317 -1.40 12.31 -12.22
C VAL A 317 -0.14 12.50 -11.37
N GLN A 318 0.60 13.57 -11.58
CA GLN A 318 1.69 13.98 -10.69
C GLN A 318 1.29 15.26 -9.95
N VAL A 319 1.65 15.33 -8.69
CA VAL A 319 1.58 16.56 -7.91
CA VAL A 319 1.56 16.55 -7.88
C VAL A 319 2.90 16.71 -7.19
N SER A 320 3.23 17.94 -6.80
CA SER A 320 4.41 18.16 -5.99
C SER A 320 4.18 19.33 -5.05
N TYR A 321 4.99 19.39 -4.00
CA TYR A 321 4.84 20.34 -2.91
C TYR A 321 6.17 20.88 -2.45
N ALA A 322 6.13 22.00 -1.73
CA ALA A 322 7.23 22.51 -0.95
C ALA A 322 6.84 22.55 0.51
N ILE A 323 7.76 22.19 1.41
CA ILE A 323 7.44 22.28 2.85
C ILE A 323 6.97 23.68 3.20
N GLY A 324 5.86 23.76 3.97
CA GLY A 324 5.33 25.01 4.42
C GLY A 324 4.38 25.68 3.47
N VAL A 325 4.22 25.19 2.27
CA VAL A 325 3.38 25.79 1.24
C VAL A 325 2.17 24.87 1.04
N SER A 326 0.97 25.45 1.09
CA SER A 326 -0.22 24.61 1.07
CA SER A 326 -0.27 24.66 1.07
C SER A 326 -0.55 24.08 -0.32
N HIS A 327 -0.58 24.94 -1.35
CA HIS A 327 -0.97 24.49 -2.67
C HIS A 327 0.16 23.73 -3.34
N PRO A 328 -0.16 22.73 -4.14
CA PRO A 328 0.88 22.07 -4.90
C PRO A 328 1.63 23.07 -5.77
N LEU A 329 2.92 22.80 -5.94
CA LEU A 329 3.78 23.56 -6.85
C LEU A 329 3.50 23.22 -8.29
N SER A 330 3.09 21.99 -8.56
CA SER A 330 2.81 21.53 -9.90
C SER A 330 1.73 20.47 -9.82
N ILE A 331 0.90 20.44 -10.87
CA ILE A 331 -0.07 19.37 -11.11
C ILE A 331 0.03 19.02 -12.59
N SER A 332 0.17 17.75 -12.91
CA SER A 332 0.39 17.29 -14.27
CA SER A 332 0.35 17.32 -14.28
C SER A 332 -0.38 16.02 -14.50
N ILE A 333 -0.78 15.80 -15.74
CA ILE A 333 -1.62 14.64 -16.11
CA ILE A 333 -1.56 14.62 -16.08
C ILE A 333 -1.12 14.07 -17.42
N PHE A 334 -1.14 12.75 -17.53
CA PHE A 334 -0.82 12.03 -18.75
C PHE A 334 -1.87 10.94 -18.91
N HIS A 335 -2.56 10.91 -20.05
CA HIS A 335 -3.64 9.94 -20.25
C HIS A 335 -3.31 8.82 -21.24
N TYR A 336 -2.06 8.69 -21.66
CA TYR A 336 -1.59 7.57 -22.47
C TYR A 336 -2.31 7.49 -23.81
N GLY A 337 -2.95 8.56 -24.24
CA GLY A 337 -3.75 8.54 -25.45
C GLY A 337 -5.12 7.95 -25.31
N THR A 338 -5.63 7.82 -24.08
CA THR A 338 -6.88 7.10 -23.84
C THR A 338 -8.04 8.03 -23.54
N SER A 339 -7.92 9.31 -23.87
CA SER A 339 -9.02 10.27 -23.75
C SER A 339 -9.14 11.01 -25.07
N GLN A 340 -10.38 11.41 -25.38
CA GLN A 340 -10.58 12.33 -26.48
CA GLN A 340 -10.59 12.34 -26.49
C GLN A 340 -10.24 13.75 -26.10
N LYS A 341 -10.22 14.07 -24.80
CA LYS A 341 -9.82 15.38 -24.31
C LYS A 341 -8.30 15.44 -24.19
N SER A 342 -7.74 16.63 -24.41
CA SER A 342 -6.33 16.81 -24.18
C SER A 342 -6.03 16.76 -22.68
N GLU A 343 -4.76 16.53 -22.35
CA GLU A 343 -4.37 16.60 -20.95
C GLU A 343 -4.58 18.00 -20.38
N ARG A 344 -4.41 19.04 -21.20
CA ARG A 344 -4.71 20.39 -20.75
C ARG A 344 -6.16 20.51 -20.29
N GLU A 345 -7.09 19.96 -21.07
CA GLU A 345 -8.50 19.98 -20.69
C GLU A 345 -8.74 19.15 -19.43
N LEU A 346 -8.12 17.97 -19.33
CA LEU A 346 -8.29 17.18 -18.10
C LEU A 346 -7.78 17.95 -16.88
N LEU A 347 -6.67 18.68 -17.02
CA LEU A 347 -6.14 19.44 -15.90
CA LEU A 347 -6.14 19.44 -15.91
C LEU A 347 -7.12 20.51 -15.46
N GLU A 348 -7.77 21.18 -16.41
CA GLU A 348 -8.80 22.15 -16.04
C GLU A 348 -9.94 21.48 -15.29
N ILE A 349 -10.36 20.29 -15.73
CA ILE A 349 -11.40 19.57 -15.01
C ILE A 349 -10.95 19.24 -13.60
N VAL A 350 -9.72 18.78 -13.44
CA VAL A 350 -9.24 18.45 -12.11
C VAL A 350 -9.19 19.68 -11.22
N LYS A 351 -8.72 20.80 -11.77
CA LYS A 351 -8.63 22.04 -10.98
C LYS A 351 -10.01 22.52 -10.55
N LYS A 352 -11.03 22.35 -11.38
CA LYS A 352 -12.39 22.76 -11.05
C LYS A 352 -13.06 21.85 -10.03
N ASN A 353 -12.57 20.61 -9.85
CA ASN A 353 -13.26 19.62 -9.03
C ASN A 353 -12.49 19.21 -7.79
N PHE A 354 -11.19 19.50 -7.68
CA PHE A 354 -10.38 19.05 -6.56
C PHE A 354 -9.55 20.19 -6.01
N ASP A 355 -9.32 20.13 -4.73
CA ASP A 355 -8.45 21.09 -4.02
C ASP A 355 -7.43 20.26 -3.29
N LEU A 356 -6.19 20.31 -3.76
CA LEU A 356 -5.14 19.40 -3.31
C LEU A 356 -4.24 20.01 -2.24
N ARG A 357 -4.71 21.02 -1.55
CA ARG A 357 -4.07 21.43 -0.32
C ARG A 357 -4.26 20.33 0.73
N PRO A 358 -3.22 19.99 1.52
CA PRO A 358 -3.41 18.94 2.52
C PRO A 358 -4.49 19.21 3.53
N GLY A 359 -4.69 20.47 3.89
CA GLY A 359 -5.73 20.86 4.80
C GLY A 359 -7.12 20.81 4.23
N VAL A 360 -7.27 20.56 2.94
CA VAL A 360 -8.58 20.25 2.33
C VAL A 360 -8.71 18.76 2.07
N ILE A 361 -7.66 18.13 1.56
CA ILE A 361 -7.65 16.69 1.39
C ILE A 361 -8.08 15.97 2.67
N VAL A 362 -7.62 16.45 3.82
CA VAL A 362 -7.95 15.81 5.09
C VAL A 362 -9.45 15.75 5.28
N ARG A 363 -10.16 16.81 4.88
CA ARG A 363 -11.61 16.83 5.01
CA ARG A 363 -11.61 16.83 5.01
C ARG A 363 -12.27 15.91 3.99
N ASP A 364 -11.83 16.00 2.73
CA ASP A 364 -12.47 15.21 1.69
C ASP A 364 -12.28 13.71 1.91
N LEU A 365 -11.12 13.30 2.41
CA LEU A 365 -10.79 11.88 2.55
C LEU A 365 -10.83 11.40 4.01
N ASP A 366 -11.24 12.27 4.93
CA ASP A 366 -11.46 11.91 6.34
C ASP A 366 -10.19 11.35 6.98
N LEU A 367 -9.08 12.05 6.77
CA LEU A 367 -7.77 11.48 7.06
C LEU A 367 -7.35 11.58 8.52
N LYS A 368 -8.17 12.11 9.41
CA LYS A 368 -7.90 11.95 10.83
C LYS A 368 -8.47 10.65 11.40
N LYS A 369 -9.21 9.91 10.62
CA LYS A 369 -9.81 8.68 11.14
CA LYS A 369 -9.81 8.68 11.12
C LYS A 369 -8.76 7.58 11.27
N PRO A 370 -8.80 6.83 12.36
CA PRO A 370 -7.78 5.80 12.63
C PRO A 370 -8.03 4.50 11.86
N ILE A 371 -7.92 4.54 10.53
CA ILE A 371 -8.11 3.35 9.69
CA ILE A 371 -8.11 3.39 9.66
C ILE A 371 -6.82 2.94 9.00
N TYR A 372 -5.70 3.49 9.43
CA TYR A 372 -4.47 3.31 8.69
C TYR A 372 -3.89 1.91 8.80
N GLN A 373 -3.99 1.25 9.93
CA GLN A 373 -3.41 -0.10 9.99
C GLN A 373 -4.02 -1.00 8.91
N ARG A 374 -5.29 -0.77 8.57
CA ARG A 374 -5.91 -1.58 7.53
C ARG A 374 -5.32 -1.35 6.17
N THR A 375 -4.66 -0.21 5.93
CA THR A 375 -4.06 0.08 4.63
C THR A 375 -2.71 -0.60 4.44
N ALA A 376 -2.09 -1.07 5.53
CA ALA A 376 -0.65 -1.35 5.55
C ALA A 376 -0.26 -2.75 5.10
N ALA A 377 -1.19 -3.57 4.66
CA ALA A 377 -0.89 -4.80 3.92
C ALA A 377 -1.88 -4.93 2.77
N TYR A 378 -1.43 -5.57 1.70
CA TYR A 378 -2.25 -5.86 0.52
C TYR A 378 -2.53 -4.64 -0.34
N GLY A 379 -1.73 -3.60 -0.19
CA GLY A 379 -1.81 -2.43 -1.03
C GLY A 379 -2.76 -1.40 -0.47
N HIS A 380 -2.46 -0.11 -0.72
CA HIS A 380 -3.31 0.96 -0.20
C HIS A 380 -4.46 1.29 -1.14
N PHE A 381 -4.40 0.78 -2.37
CA PHE A 381 -5.32 1.15 -3.44
C PHE A 381 -6.02 -0.08 -3.97
N GLY A 382 -7.19 0.13 -4.52
CA GLY A 382 -7.96 -0.91 -5.16
C GLY A 382 -8.75 -1.81 -4.25
N ARG A 383 -8.93 -1.46 -3.00
CA ARG A 383 -9.54 -2.33 -1.99
CA ARG A 383 -9.72 -2.33 -2.15
C ARG A 383 -10.46 -1.56 -1.08
N ASP A 384 -11.55 -2.20 -0.63
CA ASP A 384 -12.30 -1.88 0.57
C ASP A 384 -13.02 -0.54 0.57
N SER A 385 -13.15 0.10 -0.57
CA SER A 385 -13.91 1.34 -0.67
C SER A 385 -13.50 2.37 0.38
N PHE A 386 -12.18 2.48 0.62
CA PHE A 386 -11.59 3.62 1.36
C PHE A 386 -12.02 4.91 0.67
N PRO A 387 -11.99 6.07 1.35
CA PRO A 387 -12.52 7.29 0.68
C PRO A 387 -11.89 7.62 -0.65
N TRP A 388 -10.58 7.36 -0.79
CA TRP A 388 -9.85 7.66 -2.02
C TRP A 388 -10.21 6.69 -3.14
N GLU A 389 -10.97 5.63 -2.84
CA GLU A 389 -11.44 4.64 -3.81
C GLU A 389 -12.86 4.90 -4.23
N VAL A 390 -13.54 5.91 -3.67
CA VAL A 390 -14.90 6.26 -4.05
C VAL A 390 -14.83 7.42 -5.01
N PRO A 391 -15.09 7.23 -6.31
CA PRO A 391 -14.88 8.33 -7.26
CA PRO A 391 -14.88 8.32 -7.26
C PRO A 391 -15.73 9.54 -6.96
N LYS A 392 -15.16 10.71 -7.21
N LYS A 392 -15.17 10.72 -7.23
CA LYS A 392 -15.94 11.93 -7.15
CA LYS A 392 -15.92 11.96 -7.17
C LYS A 392 -16.67 12.12 -8.47
C LYS A 392 -16.65 12.17 -8.49
N LYS A 393 -17.92 12.55 -8.40
CA LYS A 393 -18.68 12.96 -9.59
CA LYS A 393 -18.69 12.95 -9.59
C LYS A 393 -18.15 14.29 -10.10
N LEU A 394 -17.72 14.32 -11.33
CA LEU A 394 -17.02 15.48 -11.87
C LEU A 394 -17.97 16.39 -12.61
N LYS A 395 -17.81 17.70 -12.40
N LYS A 395 -17.80 17.68 -12.39
CA LYS A 395 -18.63 18.72 -13.05
CA LYS A 395 -18.58 18.72 -13.04
C LYS A 395 -17.77 19.45 -14.06
C LYS A 395 -17.71 19.37 -14.11
N TYR A 396 -18.21 19.44 -15.32
CA TYR A 396 -17.47 20.05 -16.44
C TYR A 396 -18.40 20.15 -17.65
C10 WBS B . 0.30 0.36 -24.53
N12 WBS B . 3.81 -1.39 -25.25
C13 WBS B . 4.84 -2.34 -25.50
C17 WBS B . 4.91 -3.22 -26.55
C20 WBS B . 5.19 -0.40 -20.66
C21 WBS B . 6.37 -1.30 -20.42
C22 WBS B . 7.40 -0.91 -19.56
C24 WBS B . 8.64 -2.90 -20.10
C26 WBS B . 6.51 -2.48 -21.12
C28 WBS B . 4.98 0.96 -18.44
C02 WBS B . 2.59 1.02 -22.66
C03 WBS B . 2.68 0.29 -23.87
C04 WBS B . 1.63 0.59 -24.91
C05 WBS B . 1.94 1.05 -26.18
C06 WBS B . 0.88 1.29 -27.07
C07 WBS B . -0.41 1.08 -26.69
C09 WBS B . -0.73 0.60 -25.44
C11 WBS B . 3.67 -0.69 -24.04
C16 WBS B . 6.07 -3.88 -26.40
C19 WBS B . 4.49 -0.30 -21.82
C23 WBS B . 8.51 -1.71 -19.38
C25 WBS B . 7.64 -3.27 -20.98
C27 WBS B . 4.62 0.56 -19.82
C29 WBS B . 5.56 2.19 -18.21
C30 WBS B . 5.87 2.54 -16.93
C31 WBS B . 5.64 1.70 -15.87
C32 WBS B . 5.09 0.48 -16.12
C33 WBS B . 4.72 0.11 -17.42
N14 WBS B . 5.94 -2.42 -24.75
N15 WBS B . 6.69 -3.41 -25.33
N18 WBS B . 4.59 -1.00 -23.08
N34 WBS B . 3.60 1.19 -20.44
N35 WBS B . 3.53 0.64 -21.67
O01 WBS B . 1.82 1.92 -22.41
O08 WBS B . -1.47 1.32 -27.60
H101 WBS B . 0.10 0.03 -23.69
H121 WBS B . 3.23 -1.24 -25.87
H171 WBS B . 4.28 -3.33 -27.22
H221 WBS B . 7.32 -0.11 -19.11
H241 WBS B . 9.40 -3.42 -19.99
H261 WBS B . 5.83 -2.76 -21.70
H051 WBS B . 2.82 1.18 -26.43
H061 WBS B . 1.06 1.61 -27.93
H091 WBS B . -1.62 0.45 -25.20
H161 WBS B . 6.39 -4.55 -26.96
H231 WBS B . 9.18 -1.46 -18.78
H251 WBS B . 7.73 -4.06 -21.46
H291 WBS B . 5.73 2.77 -18.92
H301 WBS B . 6.25 3.38 -16.77
H311 WBS B . 5.86 1.95 -15.00
H321 WBS B . 4.95 -0.12 -15.43
H331 WBS B . 4.32 -0.71 -17.58
H151 WBS B . 7.44 -3.68 -25.03
H181 WBS B . 5.22 -1.58 -23.21
H081 WBS B . -1.36 0.87 -28.30
CL CL C . 12.14 -8.06 0.57
C TRS D . -5.39 -4.69 15.96
C1 TRS D . -4.11 -4.98 16.72
C2 TRS D . -6.60 -5.19 16.76
C3 TRS D . -5.36 -5.40 14.61
N TRS D . -5.49 -3.24 15.74
O1 TRS D . -3.01 -4.48 15.99
O2 TRS D . -6.68 -4.50 18.00
O3 TRS D . -6.36 -4.88 13.75
H21 TRS D . -6.51 -6.26 16.93
H22 TRS D . -7.51 -5.02 16.18
H31 TRS D . -5.51 -6.48 14.75
H32 TRS D . -4.37 -5.27 14.14
HO2 TRS D . -7.44 -4.84 18.51
HO3 TRS D . -6.31 -5.33 12.87
C1 EDO E . 1.48 -19.42 11.81
O1 EDO E . 2.84 -19.73 11.64
C2 EDO E . 1.33 -18.03 12.36
O2 EDO E . 0.67 -18.13 13.60
H21 EDO E . 0.75 -17.42 11.67
H22 EDO E . 2.31 -17.57 12.48
HO2 EDO E . 0.55 -17.24 13.97
C1 EDO F . 10.62 -24.56 -7.97
O1 EDO F . 9.92 -25.80 -8.17
C2 EDO F . 11.19 -24.10 -9.30
O2 EDO F . 12.01 -22.94 -9.12
H21 EDO F . 10.38 -23.87 -9.99
H22 EDO F . 11.78 -24.91 -9.74
HO2 EDO F . 12.48 -22.75 -9.94
C1 GOL G . -10.52 -18.30 -7.99
O1 GOL G . -11.72 -19.03 -7.94
C2 GOL G . -10.31 -17.81 -9.39
O2 GOL G . -11.28 -16.87 -9.74
C3 GOL G . -10.24 -19.05 -10.23
O3 GOL G . -11.22 -18.91 -11.19
H31 GOL G . -10.35 -19.83 -9.67
H32 GOL G . -9.34 -19.13 -10.60
CL CL H . 9.46 -25.23 12.77
C1 EDO I . 0.28 4.04 -24.29
O1 EDO I . -0.21 4.80 -25.44
C2 EDO I . 1.58 4.76 -23.97
O2 EDO I . 1.36 6.20 -23.77
H11 EDO I . 0.47 2.99 -24.55
H12 EDO I . -0.40 4.06 -23.45
HO1 EDO I . -1.16 5.00 -25.31
H21 EDO I . 2.30 4.62 -24.79
H22 EDO I . 2.03 4.34 -23.07
HO2 EDO I . 2.18 6.63 -23.52
N SAM J . 18.64 -10.02 3.47
CA SAM J . 18.61 -11.27 2.81
C SAM J . 20.00 -11.90 2.87
O SAM J . 20.64 -11.76 3.94
OXT SAM J . 20.40 -12.53 1.88
CB SAM J . 18.12 -11.06 1.36
CG SAM J . 16.64 -10.70 1.35
SD SAM J . 15.41 -12.06 1.91
CE SAM J . 15.56 -13.18 0.52
C5' SAM J . 14.00 -11.03 1.42
C4' SAM J . 12.70 -11.64 1.74
O4' SAM J . 12.61 -12.95 1.13
C3' SAM J . 12.43 -11.88 3.22
O3' SAM J . 11.91 -10.71 3.84
C2' SAM J . 11.39 -12.97 3.17
O2' SAM J . 10.09 -12.49 2.79
C1' SAM J . 11.91 -13.83 2.00
N9 SAM J . 12.81 -14.90 2.42
C8 SAM J . 13.55 -15.01 3.56
N7 SAM J . 14.15 -16.19 3.69
C5 SAM J . 13.79 -16.85 2.53
C6 SAM J . 14.05 -18.16 2.08
N6 SAM J . 14.81 -19.04 2.75
N1 SAM J . 13.50 -18.54 0.91
C2 SAM J . 12.76 -17.68 0.23
N3 SAM J . 12.45 -16.42 0.56
C4 SAM J . 12.98 -16.08 1.73
HN1 SAM J . 18.34 -9.29 2.82
HN2 SAM J . 18.96 -10.14 4.43
HA SAM J . 17.90 -11.95 3.27
HB1 SAM J . 18.31 -11.96 0.78
HB2 SAM J . 18.72 -10.28 0.89
HG1 SAM J . 16.40 -10.37 0.34
HG2 SAM J . 16.52 -9.81 1.97
HE1 SAM J . 16.47 -12.98 -0.06
HE2 SAM J . 15.60 -14.22 0.83
HE3 SAM J . 14.71 -13.08 -0.17
H5'1 SAM J . 14.14 -10.06 1.89
H5'2 SAM J . 14.11 -10.83 0.36
H4' SAM J . 11.90 -11.05 1.29
H3' SAM J . 13.33 -12.19 3.75
HO3' SAM J . 10.92 -10.69 3.67
H2' SAM J . 11.35 -13.47 4.14
HO2' SAM J . 9.61 -12.26 3.63
H1' SAM J . 11.10 -14.27 1.41
H8 SAM J . 13.63 -14.21 4.29
HN61 SAM J . 15.23 -18.79 3.65
HN62 SAM J . 14.97 -19.97 2.38
H2 SAM J . 12.36 -18.04 -0.72
#